data_1Z8P
#
_entry.id   1Z8P
#
_cell.length_a   53.940
_cell.length_b   78.470
_cell.length_c   96.790
_cell.angle_alpha   90.00
_cell.angle_beta   90.00
_cell.angle_gamma   90.00
#
_symmetry.space_group_name_H-M   'P 21 21 21'
#
loop_
_entity.id
_entity.type
_entity.pdbx_description
1 polymer '6-deoxyerythronolide B hydroxylase'
2 non-polymer 'PROTOPORPHYRIN IX CONTAINING FE'
3 non-polymer 'OXYGEN MOLECULE'
4 non-polymer '6-DEOXYERYTHRONOLIDE B'
5 water water
#
_entity_poly.entity_id   1
_entity_poly.type   'polypeptide(L)'
_entity_poly.pdbx_seq_one_letter_code
;MTTVPDLESDSFHVDWYRTYAELRETAPVTPVRFLGQDAWLVTGYDEAKAALSDLRLSSDPKKKYPGVEVEFPAYLGFPE
DVRNYFATNMGTSDPPTHTRLRKLVSQEFTVRRVEAMRPRVEQITAELLDEVGDSGVVDIVDRFAHPLPIKVICELLGVD
EKYRGEFGRWSSEILVMDPERAEQRGQAAREVVNFILDLVERRRTEPGDDLLSALIRVQDDDDGRLSADELTSIALVLLL
AGFESSVSLIGIGTYLLLTHPDQLALVRRDPSALPNAVEEILRYIAPPETTTRFAAEEVEIGGVAIPQYSTVLVANGAAN
RDPKQFPDPHRFDVTRDTRGHLSFGQGIHFCMGRPLAKLEGEVALRALFGRFPALSLGIDADDVVWRRSLLLRGIDHLPV
RLDG
;
_entity_poly.pdbx_strand_id   A
#
loop_
_chem_comp.id
_chem_comp.type
_chem_comp.name
_chem_comp.formula
DEB non-polymer '6-DEOXYERYTHRONOLIDE B' 'C21 H38 O6'
HEM non-polymer 'PROTOPORPHYRIN IX CONTAINING FE' 'C34 H32 Fe N4 O4'
OXY non-polymer 'OXYGEN MOLECULE' O2
#
# COMPACT_ATOMS: atom_id res chain seq x y z
N THR A 2 13.03 20.25 -19.97
CA THR A 2 12.41 20.36 -21.32
C THR A 2 11.09 19.59 -21.37
N THR A 3 11.12 18.40 -21.98
CA THR A 3 9.92 17.58 -22.07
C THR A 3 9.50 17.09 -20.69
N VAL A 4 8.72 17.92 -19.99
CA VAL A 4 8.26 17.60 -18.64
C VAL A 4 7.68 16.19 -18.58
N PRO A 5 8.16 15.38 -17.64
CA PRO A 5 7.67 14.00 -17.51
C PRO A 5 6.17 13.97 -17.24
N ASP A 6 5.46 13.10 -17.97
CA ASP A 6 4.02 12.95 -17.80
C ASP A 6 3.84 11.60 -17.11
N LEU A 7 3.47 11.62 -15.83
CA LEU A 7 3.32 10.39 -15.07
C LEU A 7 2.26 9.42 -15.58
N GLU A 8 1.50 9.82 -16.60
CA GLU A 8 0.49 8.92 -17.16
C GLU A 8 1.04 8.16 -18.36
N SER A 9 2.22 8.56 -18.83
CA SER A 9 2.83 7.91 -19.98
C SER A 9 3.34 6.51 -19.67
N ASP A 10 3.55 5.72 -20.72
CA ASP A 10 4.04 4.35 -20.55
C ASP A 10 5.41 4.33 -19.89
N SER A 11 6.12 5.46 -19.95
CA SER A 11 7.45 5.56 -19.35
C SER A 11 7.43 5.23 -17.86
N PHE A 12 6.26 5.39 -17.23
CA PHE A 12 6.13 5.13 -15.81
C PHE A 12 5.41 3.83 -15.51
N HIS A 13 5.24 2.98 -16.52
CA HIS A 13 4.55 1.70 -16.33
C HIS A 13 5.18 0.59 -17.15
N VAL A 14 6.30 0.90 -17.80
CA VAL A 14 7.04 -0.05 -18.61
C VAL A 14 8.52 0.16 -18.30
N ASP A 15 9.16 -0.84 -17.69
CA ASP A 15 10.57 -0.75 -17.31
C ASP A 15 10.74 0.62 -16.63
N TRP A 16 9.73 0.99 -15.86
CA TRP A 16 9.67 2.28 -15.19
C TRP A 16 10.78 2.63 -14.20
N TYR A 17 11.48 1.64 -13.65
CA TYR A 17 12.55 1.96 -12.73
C TYR A 17 13.74 2.54 -13.49
N ARG A 18 13.80 2.27 -14.80
CA ARG A 18 14.87 2.82 -15.60
C ARG A 18 14.54 4.31 -15.77
N THR A 19 13.25 4.60 -15.90
CA THR A 19 12.78 5.97 -16.04
C THR A 19 13.07 6.75 -14.76
N TYR A 20 12.84 6.14 -13.60
CA TYR A 20 13.11 6.80 -12.34
C TYR A 20 14.60 7.10 -12.21
N ALA A 21 15.43 6.15 -12.67
CA ALA A 21 16.87 6.31 -12.61
C ALA A 21 17.35 7.48 -13.45
N GLU A 22 16.81 7.61 -14.66
CA GLU A 22 17.21 8.69 -15.56
C GLU A 22 16.80 10.04 -14.98
N LEU A 23 15.66 10.09 -14.29
CA LEU A 23 15.22 11.34 -13.69
C LEU A 23 16.07 11.66 -12.45
N ARG A 24 16.27 10.67 -11.60
CA ARG A 24 17.06 10.86 -10.39
C ARG A 24 18.46 11.39 -10.71
N GLU A 25 19.02 10.88 -11.80
CA GLU A 25 20.37 11.28 -12.25
C GLU A 25 20.44 12.75 -12.66
N THR A 26 19.34 13.28 -13.20
CA THR A 26 19.28 14.66 -13.63
C THR A 26 18.92 15.59 -12.47
N ALA A 27 17.91 15.18 -11.70
CA ALA A 27 17.47 15.97 -10.55
C ALA A 27 16.50 15.18 -9.69
N PRO A 28 16.95 14.76 -8.50
CA PRO A 28 16.12 13.98 -7.56
C PRO A 28 14.81 14.66 -7.16
N VAL A 29 14.67 15.92 -7.54
CA VAL A 29 13.47 16.71 -7.26
C VAL A 29 13.14 17.47 -8.54
N THR A 30 12.21 16.95 -9.33
CA THR A 30 11.84 17.59 -10.59
C THR A 30 10.35 17.80 -10.83
N PRO A 31 10.02 18.83 -11.61
CA PRO A 31 8.63 19.16 -11.94
C PRO A 31 8.06 18.12 -12.91
N VAL A 32 6.81 17.74 -12.69
CA VAL A 32 6.16 16.77 -13.57
C VAL A 32 4.70 17.15 -13.77
N ARG A 33 4.03 16.41 -14.65
CA ARG A 33 2.62 16.62 -14.95
C ARG A 33 1.91 15.31 -14.63
N PHE A 34 0.75 15.38 -13.99
CA PHE A 34 0.00 14.18 -13.66
C PHE A 34 -1.48 14.49 -13.46
N LEU A 35 -2.33 13.80 -14.22
CA LEU A 35 -3.77 13.98 -14.14
C LEU A 35 -4.20 15.43 -14.35
N GLY A 36 -3.51 16.14 -15.22
CA GLY A 36 -3.88 17.52 -15.49
C GLY A 36 -3.43 18.57 -14.50
N GLN A 37 -2.46 18.24 -13.65
CA GLN A 37 -1.97 19.21 -12.68
C GLN A 37 -0.46 19.15 -12.56
N ASP A 38 0.13 20.24 -12.10
CA ASP A 38 1.58 20.30 -11.94
C ASP A 38 1.94 19.70 -10.58
N ALA A 39 3.10 19.05 -10.54
CA ALA A 39 3.58 18.44 -9.30
C ALA A 39 5.08 18.31 -9.31
N TRP A 40 5.64 17.85 -8.19
CA TRP A 40 7.08 17.66 -8.06
C TRP A 40 7.36 16.21 -7.66
N LEU A 41 8.15 15.52 -8.47
CA LEU A 41 8.48 14.13 -8.21
C LEU A 41 9.84 14.03 -7.51
N VAL A 42 9.87 13.37 -6.35
CA VAL A 42 11.10 13.20 -5.59
C VAL A 42 11.58 11.75 -5.73
N THR A 43 12.65 11.55 -6.51
CA THR A 43 13.19 10.22 -6.75
C THR A 43 14.47 9.88 -5.99
N GLY A 44 15.06 10.88 -5.34
CA GLY A 44 16.28 10.61 -4.59
C GLY A 44 15.96 10.07 -3.22
N TYR A 45 16.78 9.15 -2.71
CA TYR A 45 16.53 8.60 -1.39
C TYR A 45 16.65 9.66 -0.30
N ASP A 46 17.80 10.33 -0.24
CA ASP A 46 18.01 11.38 0.76
C ASP A 46 16.89 12.40 0.70
N GLU A 47 16.52 12.78 -0.52
CA GLU A 47 15.47 13.77 -0.74
C GLU A 47 14.09 13.27 -0.28
N ALA A 48 13.79 12.01 -0.55
CA ALA A 48 12.51 11.45 -0.17
C ALA A 48 12.42 11.32 1.34
N LYS A 49 13.51 10.90 1.97
CA LYS A 49 13.50 10.76 3.42
C LYS A 49 13.30 12.14 4.06
N ALA A 50 14.00 13.13 3.53
CA ALA A 50 13.90 14.50 4.04
C ALA A 50 12.46 15.01 3.88
N ALA A 51 11.88 14.76 2.72
CA ALA A 51 10.53 15.20 2.41
C ALA A 51 9.50 14.60 3.38
N LEU A 52 9.55 13.30 3.59
CA LEU A 52 8.60 12.64 4.49
C LEU A 52 8.79 13.07 5.94
N SER A 53 9.99 13.56 6.25
CA SER A 53 10.31 13.99 7.61
C SER A 53 10.00 15.46 7.85
N ASP A 54 9.73 16.19 6.79
CA ASP A 54 9.44 17.62 6.89
C ASP A 54 7.92 17.83 6.98
N LEU A 55 7.44 18.16 8.17
CA LEU A 55 6.01 18.32 8.35
C LEU A 55 5.38 19.53 7.66
N ARG A 56 6.22 20.36 7.04
CA ARG A 56 5.71 21.50 6.30
C ARG A 56 5.05 20.92 5.05
N LEU A 57 5.37 19.66 4.76
CA LEU A 57 4.78 18.94 3.64
C LEU A 57 3.64 18.14 4.26
N SER A 58 2.44 18.71 4.18
CA SER A 58 1.23 18.16 4.77
C SER A 58 0.63 16.91 4.15
N SER A 59 -0.07 16.12 4.96
CA SER A 59 -0.72 14.90 4.50
C SER A 59 -2.24 15.10 4.47
N ASP A 60 -2.70 16.27 4.91
CA ASP A 60 -4.13 16.55 4.99
C ASP A 60 -4.74 17.24 3.77
N PRO A 61 -5.56 16.51 2.99
CA PRO A 61 -6.20 17.09 1.80
C PRO A 61 -7.41 17.96 2.12
N LYS A 62 -7.84 17.96 3.38
CA LYS A 62 -9.01 18.72 3.81
C LYS A 62 -8.71 20.15 4.23
N LYS A 63 -7.44 20.47 4.48
CA LYS A 63 -7.07 21.81 4.90
C LYS A 63 -7.31 22.82 3.80
N LYS A 64 -7.81 23.99 4.19
CA LYS A 64 -8.10 25.03 3.22
C LYS A 64 -7.09 26.17 3.29
N TYR A 65 -6.75 26.70 2.12
CA TYR A 65 -5.81 27.80 2.04
C TYR A 65 -6.46 28.84 1.14
N PRO A 66 -6.33 30.13 1.49
CA PRO A 66 -6.92 31.21 0.70
C PRO A 66 -6.53 31.23 -0.77
N GLY A 67 -7.54 31.16 -1.64
CA GLY A 67 -7.32 31.19 -3.07
C GLY A 67 -6.74 29.93 -3.67
N VAL A 68 -6.67 28.87 -2.86
CA VAL A 68 -6.13 27.59 -3.32
C VAL A 68 -7.17 26.50 -3.36
N GLU A 69 -7.09 25.65 -4.38
CA GLU A 69 -7.97 24.50 -4.51
C GLU A 69 -7.06 23.28 -4.41
N VAL A 70 -7.03 22.69 -3.22
CA VAL A 70 -6.19 21.52 -2.97
C VAL A 70 -6.72 20.27 -3.67
N GLU A 71 -5.87 19.65 -4.48
CA GLU A 71 -6.25 18.44 -5.21
C GLU A 71 -5.18 17.36 -5.11
N PHE A 72 -5.50 16.27 -4.41
CA PHE A 72 -4.57 15.15 -4.30
C PHE A 72 -4.91 14.21 -5.45
N PRO A 73 -3.91 13.78 -6.23
CA PRO A 73 -4.15 12.88 -7.36
C PRO A 73 -4.97 11.64 -6.99
N ALA A 74 -4.68 11.06 -5.84
CA ALA A 74 -5.36 9.85 -5.37
C ALA A 74 -6.87 9.99 -5.18
N TYR A 75 -7.38 11.22 -5.13
CA TYR A 75 -8.81 11.40 -4.94
C TYR A 75 -9.51 11.86 -6.22
N LEU A 76 -8.91 11.46 -7.34
CA LEU A 76 -9.42 11.78 -8.67
C LEU A 76 -10.86 11.28 -8.83
N GLY A 77 -11.76 12.17 -9.21
CA GLY A 77 -13.15 11.80 -9.41
C GLY A 77 -14.00 11.72 -8.14
N PHE A 78 -13.38 11.95 -6.99
CA PHE A 78 -14.07 11.89 -5.71
C PHE A 78 -14.88 13.12 -5.34
N PRO A 79 -16.18 12.95 -5.03
CA PRO A 79 -16.99 14.12 -4.65
C PRO A 79 -16.37 14.57 -3.32
N GLU A 80 -16.57 15.83 -2.94
CA GLU A 80 -15.99 16.33 -1.70
C GLU A 80 -16.37 15.53 -0.45
N ASP A 81 -17.66 15.23 -0.30
CA ASP A 81 -18.08 14.47 0.88
C ASP A 81 -17.40 13.10 0.90
N VAL A 82 -17.26 12.48 -0.26
CA VAL A 82 -16.62 11.17 -0.34
C VAL A 82 -15.14 11.28 0.04
N ARG A 83 -14.48 12.36 -0.39
CA ARG A 83 -13.08 12.59 -0.06
C ARG A 83 -12.92 12.65 1.46
N ASN A 84 -13.82 13.39 2.11
CA ASN A 84 -13.76 13.54 3.56
C ASN A 84 -13.90 12.20 4.28
N TYR A 85 -14.77 11.34 3.76
CA TYR A 85 -14.97 10.02 4.36
C TYR A 85 -13.69 9.19 4.23
N PHE A 86 -12.99 9.43 3.13
CA PHE A 86 -11.73 8.73 2.84
C PHE A 86 -10.53 9.36 3.52
N ALA A 87 -10.66 10.63 3.90
CA ALA A 87 -9.54 11.37 4.46
C ALA A 87 -9.65 12.00 5.83
N THR A 88 -10.29 11.31 6.78
CA THR A 88 -10.37 11.84 8.14
C THR A 88 -9.78 10.73 9.03
N ASN A 89 -8.51 10.41 8.77
CA ASN A 89 -7.80 9.37 9.51
C ASN A 89 -6.30 9.67 9.63
N MET A 90 -5.56 8.80 10.30
CA MET A 90 -4.12 9.00 10.51
C MET A 90 -3.37 9.46 9.26
N GLY A 91 -3.43 8.67 8.20
CA GLY A 91 -2.73 9.00 6.98
C GLY A 91 -3.11 10.29 6.27
N THR A 92 -4.23 10.89 6.67
CA THR A 92 -4.70 12.13 6.06
C THR A 92 -4.84 13.25 7.09
N SER A 93 -4.08 13.15 8.18
CA SER A 93 -4.11 14.15 9.24
C SER A 93 -2.70 14.61 9.57
N ASP A 94 -2.59 15.83 10.08
CA ASP A 94 -1.28 16.36 10.50
C ASP A 94 -1.42 16.56 12.01
N PRO A 95 -0.30 16.71 12.71
CA PRO A 95 -0.37 16.91 14.16
C PRO A 95 -1.09 18.25 14.39
N PRO A 96 -1.78 18.43 15.52
CA PRO A 96 -1.95 17.49 16.65
C PRO A 96 -3.00 16.40 16.43
N THR A 97 -3.89 16.60 15.47
CA THR A 97 -4.94 15.64 15.19
C THR A 97 -4.38 14.25 14.88
N HIS A 98 -3.37 14.19 14.04
CA HIS A 98 -2.75 12.91 13.70
C HIS A 98 -2.29 12.22 14.97
N THR A 99 -1.66 12.99 15.85
CA THR A 99 -1.15 12.43 17.08
C THR A 99 -2.20 11.70 17.91
N ARG A 100 -3.33 12.35 18.15
CA ARG A 100 -4.37 11.70 18.95
C ARG A 100 -5.04 10.54 18.24
N LEU A 101 -5.25 10.66 16.93
CA LEU A 101 -5.88 9.56 16.18
C LEU A 101 -5.00 8.31 16.21
N ARG A 102 -3.71 8.49 15.95
CA ARG A 102 -2.81 7.36 15.95
C ARG A 102 -2.66 6.73 17.32
N LYS A 103 -2.59 7.56 18.36
CA LYS A 103 -2.44 7.06 19.72
C LYS A 103 -3.64 6.19 20.09
N LEU A 104 -4.84 6.67 19.77
CA LEU A 104 -6.05 5.92 20.09
C LEU A 104 -6.12 4.60 19.32
N VAL A 105 -5.83 4.65 18.03
CA VAL A 105 -5.88 3.41 17.24
C VAL A 105 -4.80 2.43 17.67
N SER A 106 -3.64 2.94 18.05
CA SER A 106 -2.53 2.10 18.49
C SER A 106 -2.86 1.31 19.76
N GLN A 107 -3.79 1.81 20.56
CA GLN A 107 -4.18 1.14 21.78
C GLN A 107 -4.83 -0.22 21.49
N GLU A 108 -5.49 -0.34 20.35
CA GLU A 108 -6.16 -1.59 19.98
C GLU A 108 -5.52 -2.35 18.82
N PHE A 109 -4.91 -1.64 17.87
CA PHE A 109 -4.26 -2.31 16.74
C PHE A 109 -2.84 -2.60 17.19
N THR A 110 -2.73 -3.59 18.07
CA THR A 110 -1.46 -3.98 18.67
C THR A 110 -0.81 -5.23 18.08
N VAL A 111 0.44 -5.46 18.46
CA VAL A 111 1.17 -6.64 18.03
C VAL A 111 0.46 -7.86 18.60
N ARG A 112 -0.08 -7.71 19.81
CA ARG A 112 -0.79 -8.81 20.45
C ARG A 112 -1.98 -9.23 19.59
N ARG A 113 -2.79 -8.25 19.18
CA ARG A 113 -3.97 -8.54 18.36
C ARG A 113 -3.57 -9.18 17.02
N VAL A 114 -2.47 -8.69 16.45
CA VAL A 114 -1.98 -9.22 15.18
C VAL A 114 -1.50 -10.67 15.36
N GLU A 115 -0.68 -10.90 16.38
CA GLU A 115 -0.18 -12.25 16.63
C GLU A 115 -1.33 -13.22 16.93
N ALA A 116 -2.40 -12.72 17.54
CA ALA A 116 -3.53 -13.58 17.86
C ALA A 116 -4.18 -14.11 16.59
N MET A 117 -3.98 -13.40 15.49
CA MET A 117 -4.56 -13.81 14.20
C MET A 117 -3.65 -14.78 13.44
N ARG A 118 -2.42 -14.97 13.93
CA ARG A 118 -1.50 -15.87 13.24
C ARG A 118 -2.10 -17.22 12.87
N PRO A 119 -2.77 -17.91 13.83
CA PRO A 119 -3.37 -19.21 13.53
C PRO A 119 -4.42 -19.11 12.42
N ARG A 120 -5.13 -17.98 12.39
CA ARG A 120 -6.15 -17.76 11.38
C ARG A 120 -5.49 -17.56 10.01
N VAL A 121 -4.41 -16.78 9.98
CA VAL A 121 -3.72 -16.56 8.71
C VAL A 121 -3.19 -17.89 8.19
N GLU A 122 -2.62 -18.69 9.09
CA GLU A 122 -2.10 -20.00 8.68
C GLU A 122 -3.20 -20.92 8.17
N GLN A 123 -4.33 -20.96 8.86
CA GLN A 123 -5.41 -21.84 8.42
C GLN A 123 -6.05 -21.40 7.11
N ILE A 124 -6.29 -20.10 6.98
CA ILE A 124 -6.88 -19.56 5.75
C ILE A 124 -5.94 -19.87 4.58
N THR A 125 -4.64 -19.66 4.80
CA THR A 125 -3.62 -19.92 3.80
C THR A 125 -3.66 -21.39 3.37
N ALA A 126 -3.72 -22.30 4.34
CA ALA A 126 -3.75 -23.72 4.04
C ALA A 126 -5.01 -24.09 3.26
N GLU A 127 -6.16 -23.58 3.68
CA GLU A 127 -7.41 -23.87 3.01
C GLU A 127 -7.41 -23.38 1.56
N LEU A 128 -6.87 -22.19 1.32
CA LEU A 128 -6.82 -21.68 -0.04
C LEU A 128 -5.92 -22.55 -0.91
N LEU A 129 -4.77 -22.95 -0.37
CA LEU A 129 -3.84 -23.79 -1.13
C LEU A 129 -4.44 -25.18 -1.35
N ASP A 130 -5.25 -25.63 -0.41
CA ASP A 130 -5.91 -26.93 -0.50
C ASP A 130 -6.85 -26.98 -1.70
N GLU A 131 -7.40 -25.83 -2.06
CA GLU A 131 -8.37 -25.76 -3.14
C GLU A 131 -7.88 -25.59 -4.57
N VAL A 132 -6.59 -25.33 -4.76
CA VAL A 132 -6.08 -25.13 -6.12
C VAL A 132 -5.69 -26.42 -6.84
N GLY A 133 -5.63 -27.53 -6.10
CA GLY A 133 -5.27 -28.80 -6.72
C GLY A 133 -3.79 -29.13 -6.58
N ASP A 134 -3.34 -30.15 -7.29
CA ASP A 134 -1.94 -30.58 -7.23
C ASP A 134 -1.15 -30.31 -8.50
N SER A 135 -1.85 -29.95 -9.57
CA SER A 135 -1.17 -29.70 -10.84
C SER A 135 -1.98 -28.79 -11.74
N GLY A 136 -1.38 -28.42 -12.87
CA GLY A 136 -2.05 -27.56 -13.81
C GLY A 136 -1.74 -26.10 -13.56
N VAL A 137 -2.38 -25.23 -14.33
CA VAL A 137 -2.18 -23.79 -14.21
C VAL A 137 -3.33 -23.12 -13.48
N VAL A 138 -3.01 -22.15 -12.64
CA VAL A 138 -4.02 -21.38 -11.92
C VAL A 138 -3.54 -19.95 -11.80
N ASP A 139 -4.47 -19.03 -11.56
CA ASP A 139 -4.13 -17.61 -11.38
C ASP A 139 -3.89 -17.50 -9.87
N ILE A 140 -2.62 -17.40 -9.46
CA ILE A 140 -2.30 -17.36 -8.05
C ILE A 140 -2.78 -16.10 -7.33
N VAL A 141 -3.22 -15.10 -8.09
CA VAL A 141 -3.74 -13.89 -7.46
C VAL A 141 -5.19 -14.16 -7.07
N ASP A 142 -6.01 -14.54 -8.04
CA ASP A 142 -7.41 -14.81 -7.76
C ASP A 142 -7.61 -15.96 -6.78
N ARG A 143 -6.75 -16.97 -6.87
CA ARG A 143 -6.89 -18.13 -6.01
C ARG A 143 -6.17 -18.06 -4.67
N PHE A 144 -5.27 -17.08 -4.51
CA PHE A 144 -4.50 -17.02 -3.28
C PHE A 144 -4.09 -15.63 -2.76
N ALA A 145 -3.26 -14.92 -3.52
CA ALA A 145 -2.77 -13.60 -3.10
C ALA A 145 -3.86 -12.59 -2.74
N HIS A 146 -4.98 -12.63 -3.45
CA HIS A 146 -6.07 -11.68 -3.18
C HIS A 146 -7.01 -12.16 -2.06
N PRO A 147 -7.54 -13.39 -2.14
CA PRO A 147 -8.44 -13.86 -1.09
C PRO A 147 -7.91 -13.93 0.35
N LEU A 148 -6.63 -14.25 0.51
CA LEU A 148 -6.05 -14.36 1.86
C LEU A 148 -6.13 -13.05 2.65
N PRO A 149 -5.50 -11.97 2.14
CA PRO A 149 -5.55 -10.70 2.87
C PRO A 149 -6.96 -10.18 3.09
N ILE A 150 -7.82 -10.36 2.09
CA ILE A 150 -9.20 -9.90 2.21
C ILE A 150 -9.91 -10.62 3.35
N LYS A 151 -9.68 -11.93 3.48
CA LYS A 151 -10.33 -12.66 4.55
C LYS A 151 -9.75 -12.28 5.90
N VAL A 152 -8.44 -12.04 5.94
CA VAL A 152 -7.78 -11.65 7.18
C VAL A 152 -8.27 -10.29 7.69
N ILE A 153 -8.33 -9.30 6.80
CA ILE A 153 -8.75 -7.97 7.22
C ILE A 153 -10.24 -7.97 7.59
N CYS A 154 -11.04 -8.79 6.91
CA CYS A 154 -12.45 -8.87 7.25
C CYS A 154 -12.64 -9.43 8.65
N GLU A 155 -11.83 -10.41 9.03
CA GLU A 155 -11.94 -10.99 10.36
C GLU A 155 -11.45 -9.99 11.40
N LEU A 156 -10.42 -9.24 11.05
CA LEU A 156 -9.89 -8.24 11.97
C LEU A 156 -10.90 -7.13 12.21
N LEU A 157 -11.63 -6.74 11.16
CA LEU A 157 -12.61 -5.67 11.26
C LEU A 157 -14.06 -6.11 11.45
N GLY A 158 -14.26 -7.39 11.74
CA GLY A 158 -15.61 -7.89 11.96
C GLY A 158 -16.56 -7.81 10.77
N VAL A 159 -16.06 -8.08 9.58
CA VAL A 159 -16.89 -8.05 8.39
C VAL A 159 -17.37 -9.47 8.10
N ASP A 160 -18.67 -9.69 8.29
CA ASP A 160 -19.26 -11.01 8.05
C ASP A 160 -19.03 -11.51 6.63
N GLU A 161 -19.04 -12.84 6.49
CA GLU A 161 -18.82 -13.48 5.21
C GLU A 161 -19.69 -12.99 4.06
N LYS A 162 -20.98 -12.80 4.32
CA LYS A 162 -21.90 -12.37 3.27
C LYS A 162 -21.75 -10.92 2.81
N TYR A 163 -20.73 -10.22 3.29
CA TYR A 163 -20.50 -8.83 2.89
C TYR A 163 -19.12 -8.65 2.29
N ARG A 164 -18.47 -9.75 1.91
CA ARG A 164 -17.12 -9.68 1.37
C ARG A 164 -16.99 -9.85 -0.15
N GLY A 165 -18.11 -10.00 -0.85
CA GLY A 165 -18.03 -10.22 -2.28
C GLY A 165 -18.15 -9.03 -3.23
N GLU A 166 -18.13 -7.81 -2.70
CA GLU A 166 -18.27 -6.64 -3.56
C GLU A 166 -17.17 -5.59 -3.49
N PHE A 167 -16.76 -5.22 -2.28
CA PHE A 167 -15.75 -4.17 -2.14
C PHE A 167 -14.41 -4.45 -2.81
N GLY A 168 -14.10 -5.71 -3.07
CA GLY A 168 -12.85 -6.02 -3.73
C GLY A 168 -12.85 -5.38 -5.11
N ARG A 169 -14.00 -5.41 -5.78
CA ARG A 169 -14.14 -4.83 -7.12
C ARG A 169 -14.03 -3.31 -7.09
N TRP A 170 -14.66 -2.68 -6.11
CA TRP A 170 -14.61 -1.22 -6.01
C TRP A 170 -13.19 -0.76 -5.71
N SER A 171 -12.55 -1.42 -4.76
CA SER A 171 -11.18 -1.10 -4.38
C SER A 171 -10.26 -1.20 -5.60
N SER A 172 -10.47 -2.22 -6.42
CA SER A 172 -9.65 -2.41 -7.61
C SER A 172 -9.77 -1.22 -8.56
N GLU A 173 -10.98 -0.70 -8.73
CA GLU A 173 -11.23 0.44 -9.61
C GLU A 173 -10.52 1.69 -9.06
N ILE A 174 -10.44 1.77 -7.74
CA ILE A 174 -9.80 2.91 -7.09
C ILE A 174 -8.27 2.92 -7.19
N LEU A 175 -7.66 1.74 -7.30
CA LEU A 175 -6.20 1.70 -7.40
C LEU A 175 -5.67 2.34 -8.68
N VAL A 176 -6.52 2.39 -9.71
CA VAL A 176 -6.11 3.00 -10.97
C VAL A 176 -6.62 4.43 -11.05
N MET A 177 -5.77 5.32 -11.56
CA MET A 177 -6.13 6.73 -11.69
C MET A 177 -6.15 7.10 -13.18
N ASP A 178 -7.28 6.82 -13.81
CA ASP A 178 -7.49 7.09 -15.23
C ASP A 178 -8.53 8.19 -15.43
N PRO A 179 -8.10 9.36 -15.95
CA PRO A 179 -9.01 10.48 -16.18
C PRO A 179 -10.26 10.07 -16.96
N GLU A 180 -10.11 9.06 -17.81
CA GLU A 180 -11.20 8.54 -18.62
C GLU A 180 -12.28 7.90 -17.76
N ARG A 181 -11.88 7.39 -16.59
CA ARG A 181 -12.82 6.73 -15.70
C ARG A 181 -12.96 7.42 -14.34
N ALA A 182 -12.78 8.74 -14.33
CA ALA A 182 -12.88 9.50 -13.10
C ALA A 182 -14.27 9.36 -12.45
N GLU A 183 -15.30 9.34 -13.28
CA GLU A 183 -16.65 9.21 -12.77
C GLU A 183 -16.86 7.81 -12.18
N GLN A 184 -16.38 6.79 -12.87
CA GLN A 184 -16.52 5.41 -12.39
C GLN A 184 -15.71 5.25 -11.09
N ARG A 185 -14.58 5.96 -11.00
CA ARG A 185 -13.74 5.86 -9.82
C ARG A 185 -14.44 6.50 -8.61
N GLY A 186 -15.05 7.66 -8.83
CA GLY A 186 -15.76 8.32 -7.75
C GLY A 186 -16.97 7.49 -7.32
N GLN A 187 -17.59 6.82 -8.27
CA GLN A 187 -18.76 5.99 -7.97
C GLN A 187 -18.35 4.75 -7.17
N ALA A 188 -17.17 4.22 -7.46
CA ALA A 188 -16.67 3.06 -6.74
C ALA A 188 -16.40 3.52 -5.31
N ALA A 189 -15.90 4.75 -5.18
CA ALA A 189 -15.59 5.32 -3.87
C ALA A 189 -16.87 5.48 -3.05
N ARG A 190 -17.95 5.92 -3.68
CA ARG A 190 -19.21 6.09 -2.97
C ARG A 190 -19.75 4.77 -2.45
N GLU A 191 -19.56 3.69 -3.23
CA GLU A 191 -20.01 2.38 -2.81
C GLU A 191 -19.24 1.96 -1.56
N VAL A 192 -17.93 2.21 -1.56
CA VAL A 192 -17.11 1.87 -0.39
C VAL A 192 -17.62 2.64 0.84
N VAL A 193 -17.89 3.93 0.67
CA VAL A 193 -18.40 4.75 1.77
C VAL A 193 -19.71 4.16 2.32
N ASN A 194 -20.64 3.87 1.43
CA ASN A 194 -21.93 3.31 1.84
C ASN A 194 -21.73 1.97 2.54
N PHE A 195 -20.78 1.19 2.04
CA PHE A 195 -20.47 -0.11 2.63
C PHE A 195 -19.96 0.06 4.06
N ILE A 196 -19.03 1.00 4.25
CA ILE A 196 -18.46 1.24 5.57
C ILE A 196 -19.53 1.81 6.51
N LEU A 197 -20.38 2.70 6.01
CA LEU A 197 -21.41 3.26 6.85
C LEU A 197 -22.28 2.13 7.42
N ASP A 198 -22.63 1.16 6.58
CA ASP A 198 -23.45 0.04 7.04
C ASP A 198 -22.69 -0.86 8.01
N LEU A 199 -21.41 -1.09 7.74
CA LEU A 199 -20.59 -1.93 8.61
C LEU A 199 -20.53 -1.35 10.01
N VAL A 200 -20.22 -0.05 10.10
CA VAL A 200 -20.14 0.62 11.39
C VAL A 200 -21.48 0.52 12.13
N GLU A 201 -22.57 0.76 11.41
CA GLU A 201 -23.91 0.68 11.99
C GLU A 201 -24.14 -0.69 12.61
N ARG A 202 -23.77 -1.75 11.88
CA ARG A 202 -23.95 -3.11 12.37
C ARG A 202 -23.09 -3.40 13.60
N ARG A 203 -21.87 -2.87 13.60
CA ARG A 203 -20.95 -3.11 14.71
C ARG A 203 -21.34 -2.36 15.98
N ARG A 204 -21.97 -1.19 15.82
CA ARG A 204 -22.40 -0.41 16.98
C ARG A 204 -23.60 -1.12 17.60
N THR A 205 -24.39 -1.76 16.75
CA THR A 205 -25.57 -2.48 17.19
C THR A 205 -25.30 -3.87 17.72
N GLU A 206 -24.24 -4.51 17.21
CA GLU A 206 -23.87 -5.85 17.64
C GLU A 206 -22.35 -5.93 17.87
N PRO A 207 -21.88 -5.44 19.02
CA PRO A 207 -20.45 -5.46 19.36
C PRO A 207 -19.81 -6.85 19.40
N GLY A 208 -18.54 -6.89 19.07
CA GLY A 208 -17.80 -8.15 19.07
C GLY A 208 -16.41 -7.92 19.63
N ASP A 209 -15.51 -8.87 19.40
CA ASP A 209 -14.15 -8.76 19.91
C ASP A 209 -13.16 -8.35 18.83
N ASP A 210 -13.68 -7.85 17.71
CA ASP A 210 -12.88 -7.42 16.58
C ASP A 210 -12.30 -6.02 16.82
N LEU A 211 -11.38 -5.61 15.94
CA LEU A 211 -10.73 -4.31 16.08
C LEU A 211 -11.68 -3.11 15.93
N LEU A 212 -12.67 -3.21 15.04
CA LEU A 212 -13.59 -2.10 14.85
C LEU A 212 -14.41 -1.91 16.13
N SER A 213 -14.93 -3.02 16.66
CA SER A 213 -15.70 -2.96 17.90
C SER A 213 -14.87 -2.28 18.98
N ALA A 214 -13.59 -2.62 19.05
CA ALA A 214 -12.71 -2.03 20.06
C ALA A 214 -12.46 -0.53 19.83
N LEU A 215 -12.37 -0.11 18.57
CA LEU A 215 -12.15 1.30 18.27
C LEU A 215 -13.39 2.13 18.58
N ILE A 216 -14.54 1.48 18.55
CA ILE A 216 -15.80 2.16 18.86
C ILE A 216 -15.81 2.52 20.34
N ARG A 217 -15.04 1.78 21.13
CA ARG A 217 -14.98 2.00 22.58
C ARG A 217 -13.70 2.66 23.08
N VAL A 218 -12.65 2.66 22.27
CA VAL A 218 -11.37 3.22 22.71
C VAL A 218 -11.46 4.67 23.18
N GLN A 219 -10.79 4.96 24.29
CA GLN A 219 -10.75 6.31 24.83
C GLN A 219 -9.50 6.54 25.67
N ASP A 220 -9.22 7.81 25.93
CA ASP A 220 -8.06 8.21 26.71
C ASP A 220 -8.33 9.57 27.37
N ASP A 221 -7.94 9.70 28.63
CA ASP A 221 -8.16 10.94 29.37
C ASP A 221 -7.71 12.20 28.64
N ASP A 222 -6.57 12.11 27.96
CA ASP A 222 -6.03 13.26 27.23
C ASP A 222 -6.43 13.31 25.76
N ASP A 223 -6.30 12.18 25.06
CA ASP A 223 -6.63 12.12 23.64
C ASP A 223 -8.12 12.00 23.37
N GLY A 224 -8.90 11.68 24.41
CA GLY A 224 -10.33 11.55 24.25
C GLY A 224 -10.73 10.28 23.51
N ARG A 225 -11.50 10.43 22.45
CA ARG A 225 -11.93 9.26 21.68
C ARG A 225 -12.20 9.60 20.22
N LEU A 226 -12.50 8.58 19.43
CA LEU A 226 -12.75 8.77 18.02
C LEU A 226 -14.17 9.27 17.76
N SER A 227 -14.26 10.39 17.05
CA SER A 227 -15.57 10.95 16.72
C SER A 227 -16.21 10.02 15.72
N ALA A 228 -17.50 10.20 15.47
CA ALA A 228 -18.19 9.35 14.49
C ALA A 228 -17.50 9.41 13.14
N ASP A 229 -17.18 10.61 12.68
CA ASP A 229 -16.50 10.78 11.39
C ASP A 229 -15.11 10.14 11.36
N GLU A 230 -14.37 10.28 12.46
CA GLU A 230 -13.03 9.71 12.56
C GLU A 230 -13.11 8.19 12.57
N LEU A 231 -14.01 7.65 13.38
CA LEU A 231 -14.19 6.20 13.45
C LEU A 231 -14.52 5.62 12.08
N THR A 232 -15.47 6.25 11.40
CA THR A 232 -15.91 5.80 10.08
C THR A 232 -14.79 5.85 9.04
N SER A 233 -14.04 6.95 9.05
CA SER A 233 -12.95 7.13 8.10
C SER A 233 -11.78 6.19 8.38
N ILE A 234 -11.48 5.98 9.65
CA ILE A 234 -10.40 5.07 10.02
C ILE A 234 -10.79 3.64 9.62
N ALA A 235 -12.04 3.27 9.84
CA ALA A 235 -12.51 1.94 9.48
C ALA A 235 -12.37 1.76 7.97
N LEU A 236 -12.73 2.79 7.21
CA LEU A 236 -12.64 2.72 5.76
C LEU A 236 -11.22 2.44 5.26
N VAL A 237 -10.25 3.24 5.69
CA VAL A 237 -8.88 3.03 5.24
C VAL A 237 -8.29 1.74 5.80
N LEU A 238 -8.66 1.37 7.01
CA LEU A 238 -8.14 0.12 7.56
C LEU A 238 -8.63 -1.04 6.70
N LEU A 239 -9.85 -0.94 6.20
CA LEU A 239 -10.40 -2.00 5.35
C LEU A 239 -9.63 -2.10 4.03
N LEU A 240 -9.46 -0.97 3.34
CA LEU A 240 -8.77 -0.97 2.04
C LEU A 240 -7.25 -1.17 2.16
N ALA A 241 -6.59 -0.33 2.96
CA ALA A 241 -5.15 -0.43 3.15
C ALA A 241 -4.81 -1.75 3.84
N GLY A 242 -5.78 -2.26 4.59
CA GLY A 242 -5.59 -3.50 5.32
C GLY A 242 -5.41 -4.77 4.50
N PHE A 243 -5.67 -4.71 3.19
CA PHE A 243 -5.49 -5.92 2.40
C PHE A 243 -4.81 -5.68 1.05
N GLU A 244 -5.06 -4.54 0.43
CA GLU A 244 -4.49 -4.28 -0.89
C GLU A 244 -2.96 -4.30 -0.94
N SER A 245 -2.29 -3.69 0.03
CA SER A 245 -0.84 -3.69 0.00
C SER A 245 -0.31 -5.09 0.24
N SER A 246 -1.02 -5.89 1.03
CA SER A 246 -0.59 -7.25 1.31
C SER A 246 -0.80 -8.13 0.08
N VAL A 247 -1.85 -7.84 -0.69
CA VAL A 247 -2.13 -8.60 -1.90
C VAL A 247 -0.98 -8.31 -2.87
N SER A 248 -0.57 -7.05 -2.93
CA SER A 248 0.53 -6.67 -3.81
C SER A 248 1.81 -7.38 -3.37
N LEU A 249 2.09 -7.38 -2.08
CA LEU A 249 3.29 -8.02 -1.56
C LEU A 249 3.36 -9.50 -1.91
N ILE A 250 2.25 -10.21 -1.72
CA ILE A 250 2.22 -11.65 -1.99
C ILE A 250 2.37 -11.94 -3.48
N GLY A 251 1.70 -11.16 -4.32
CA GLY A 251 1.79 -11.36 -5.76
C GLY A 251 3.17 -11.03 -6.28
N ILE A 252 3.67 -9.86 -5.90
CA ILE A 252 5.00 -9.44 -6.34
C ILE A 252 6.06 -10.40 -5.79
N GLY A 253 5.92 -10.78 -4.53
CA GLY A 253 6.89 -11.69 -3.92
C GLY A 253 6.91 -13.03 -4.63
N THR A 254 5.74 -13.52 -5.03
CA THR A 254 5.64 -14.79 -5.73
C THR A 254 6.33 -14.68 -7.08
N TYR A 255 6.07 -13.57 -7.78
CA TYR A 255 6.68 -13.32 -9.07
C TYR A 255 8.19 -13.21 -8.96
N LEU A 256 8.68 -12.47 -7.97
CA LEU A 256 10.12 -12.32 -7.79
C LEU A 256 10.82 -13.63 -7.44
N LEU A 257 10.24 -14.42 -6.54
CA LEU A 257 10.85 -15.69 -6.17
C LEU A 257 10.80 -16.69 -7.32
N LEU A 258 9.77 -16.57 -8.15
CA LEU A 258 9.61 -17.46 -9.30
C LEU A 258 10.58 -17.10 -10.43
N THR A 259 11.06 -15.85 -10.45
CA THR A 259 11.97 -15.41 -11.49
C THR A 259 13.42 -15.26 -11.04
N HIS A 260 13.67 -15.61 -9.77
CA HIS A 260 15.01 -15.54 -9.19
C HIS A 260 15.26 -16.83 -8.41
N PRO A 261 15.41 -17.95 -9.14
CA PRO A 261 15.65 -19.29 -8.59
C PRO A 261 16.71 -19.33 -7.49
N ASP A 262 17.81 -18.61 -7.71
CA ASP A 262 18.90 -18.55 -6.74
C ASP A 262 18.44 -17.97 -5.42
N GLN A 263 17.60 -16.95 -5.47
CA GLN A 263 17.10 -16.31 -4.27
C GLN A 263 16.13 -17.21 -3.52
N LEU A 264 15.26 -17.88 -4.27
CA LEU A 264 14.29 -18.79 -3.68
C LEU A 264 15.01 -19.96 -3.01
N ALA A 265 16.09 -20.43 -3.65
CA ALA A 265 16.87 -21.54 -3.11
C ALA A 265 17.42 -21.18 -1.74
N LEU A 266 17.96 -19.99 -1.62
CA LEU A 266 18.54 -19.53 -0.36
C LEU A 266 17.50 -19.48 0.77
N VAL A 267 16.36 -18.86 0.51
CA VAL A 267 15.32 -18.74 1.52
C VAL A 267 14.88 -20.11 2.03
N ARG A 268 14.81 -21.08 1.13
CA ARG A 268 14.40 -22.44 1.50
C ARG A 268 15.43 -23.14 2.39
N ARG A 269 16.70 -23.03 2.03
CA ARG A 269 17.77 -23.66 2.80
C ARG A 269 17.85 -23.11 4.22
N ASP A 270 17.55 -21.83 4.36
CA ASP A 270 17.59 -21.19 5.67
C ASP A 270 16.30 -20.39 5.94
N PRO A 271 15.35 -21.01 6.65
CA PRO A 271 14.06 -20.41 7.00
C PRO A 271 14.17 -19.06 7.70
N SER A 272 15.27 -18.85 8.41
CA SER A 272 15.48 -17.60 9.13
C SER A 272 15.76 -16.45 8.16
N ALA A 273 15.89 -16.79 6.89
CA ALA A 273 16.17 -15.81 5.85
C ALA A 273 14.88 -15.24 5.26
N LEU A 274 13.74 -15.84 5.59
CA LEU A 274 12.46 -15.39 5.05
C LEU A 274 12.05 -13.98 5.46
N PRO A 275 12.24 -13.61 6.73
CA PRO A 275 11.84 -12.26 7.12
C PRO A 275 12.49 -11.18 6.26
N ASN A 276 13.81 -11.28 6.05
CA ASN A 276 14.50 -10.27 5.25
C ASN A 276 14.16 -10.37 3.76
N ALA A 277 13.74 -11.55 3.33
CA ALA A 277 13.36 -11.75 1.93
C ALA A 277 12.14 -10.88 1.66
N VAL A 278 11.20 -10.86 2.61
CA VAL A 278 10.00 -10.06 2.47
C VAL A 278 10.38 -8.57 2.44
N GLU A 279 11.34 -8.19 3.28
CA GLU A 279 11.79 -6.80 3.31
C GLU A 279 12.43 -6.41 1.97
N GLU A 280 13.20 -7.32 1.38
CA GLU A 280 13.85 -7.05 0.10
C GLU A 280 12.81 -7.02 -1.03
N ILE A 281 11.78 -7.84 -0.93
CA ILE A 281 10.72 -7.82 -1.93
C ILE A 281 10.05 -6.44 -1.88
N LEU A 282 9.88 -5.92 -0.67
CA LEU A 282 9.27 -4.60 -0.53
C LEU A 282 10.22 -3.49 -0.98
N ARG A 283 11.52 -3.69 -0.77
CA ARG A 283 12.48 -2.68 -1.20
C ARG A 283 12.60 -2.65 -2.71
N TYR A 284 12.60 -3.84 -3.32
CA TYR A 284 12.76 -3.97 -4.76
C TYR A 284 11.64 -3.35 -5.58
N ILE A 285 10.39 -3.66 -5.23
CA ILE A 285 9.22 -3.14 -5.94
C ILE A 285 8.18 -2.74 -4.91
N ALA A 286 8.37 -1.56 -4.32
CA ALA A 286 7.46 -1.04 -3.31
C ALA A 286 6.03 -0.92 -3.81
N PRO A 287 5.06 -1.46 -3.05
CA PRO A 287 3.66 -1.33 -3.51
C PRO A 287 3.27 0.16 -3.52
N PRO A 288 3.54 0.89 -2.43
CA PRO A 288 3.18 2.32 -2.42
C PRO A 288 4.31 3.05 -3.14
N GLU A 289 4.37 2.88 -4.46
CA GLU A 289 5.43 3.47 -5.27
C GLU A 289 5.61 4.97 -5.06
N THR A 290 4.51 5.69 -4.93
CA THR A 290 4.58 7.12 -4.63
C THR A 290 3.58 7.45 -3.54
N THR A 291 3.91 8.43 -2.70
CA THR A 291 3.01 8.87 -1.65
C THR A 291 2.94 10.39 -1.83
N THR A 292 1.76 10.94 -1.63
CA THR A 292 1.52 12.37 -1.83
C THR A 292 1.60 13.26 -0.59
N ARG A 293 2.11 14.47 -0.80
CA ARG A 293 2.22 15.49 0.24
C ARG A 293 1.84 16.84 -0.39
N PHE A 294 1.47 17.79 0.45
CA PHE A 294 1.09 19.13 -0.01
C PHE A 294 1.91 20.17 0.72
N ALA A 295 2.58 21.05 -0.02
CA ALA A 295 3.42 22.07 0.58
C ALA A 295 2.61 23.23 1.17
N ALA A 296 2.42 23.19 2.48
CA ALA A 296 1.67 24.22 3.19
C ALA A 296 2.47 25.52 3.24
N GLU A 297 3.78 25.40 3.11
CA GLU A 297 4.69 26.55 3.11
C GLU A 297 5.72 26.24 2.03
N GLU A 298 6.56 27.20 1.68
CA GLU A 298 7.59 26.93 0.70
C GLU A 298 8.54 25.97 1.42
N VAL A 299 8.98 24.93 0.73
CA VAL A 299 9.88 23.95 1.34
C VAL A 299 11.03 23.61 0.41
N GLU A 300 12.25 23.68 0.93
CA GLU A 300 13.41 23.37 0.12
C GLU A 300 13.86 21.93 0.35
N ILE A 301 13.87 21.14 -0.71
CA ILE A 301 14.28 19.75 -0.65
C ILE A 301 15.36 19.51 -1.70
N GLY A 302 16.50 18.97 -1.27
CA GLY A 302 17.58 18.70 -2.20
C GLY A 302 18.09 19.91 -2.94
N GLY A 303 18.03 21.07 -2.29
CA GLY A 303 18.50 22.30 -2.91
C GLY A 303 17.51 22.93 -3.88
N VAL A 304 16.31 22.37 -3.93
CA VAL A 304 15.26 22.87 -4.82
C VAL A 304 14.12 23.47 -3.99
N ALA A 305 13.78 24.74 -4.26
CA ALA A 305 12.72 25.40 -3.53
C ALA A 305 11.34 25.02 -4.06
N ILE A 306 10.64 24.15 -3.34
CA ILE A 306 9.30 23.74 -3.73
C ILE A 306 8.35 24.86 -3.34
N PRO A 307 7.75 25.51 -4.35
CA PRO A 307 6.81 26.61 -4.05
C PRO A 307 5.64 26.21 -3.17
N GLN A 308 5.21 27.14 -2.33
CA GLN A 308 4.08 26.92 -1.44
C GLN A 308 2.86 26.51 -2.25
N TYR A 309 2.10 25.56 -1.71
CA TYR A 309 0.88 25.03 -2.31
C TYR A 309 1.14 24.01 -3.44
N SER A 310 2.36 23.50 -3.50
CA SER A 310 2.70 22.53 -4.51
C SER A 310 2.31 21.12 -4.09
N THR A 311 1.95 20.30 -5.07
CA THR A 311 1.61 18.91 -4.82
C THR A 311 2.95 18.18 -4.96
N VAL A 312 3.33 17.44 -3.94
CA VAL A 312 4.59 16.72 -3.97
C VAL A 312 4.37 15.21 -3.96
N LEU A 313 4.95 14.52 -4.94
CA LEU A 313 4.83 13.08 -5.02
C LEU A 313 6.18 12.50 -4.62
N VAL A 314 6.24 11.92 -3.43
CA VAL A 314 7.48 11.31 -2.95
C VAL A 314 7.48 9.90 -3.52
N ALA A 315 8.44 9.61 -4.40
CA ALA A 315 8.53 8.28 -5.01
C ALA A 315 9.24 7.27 -4.11
N ASN A 316 8.53 6.76 -3.10
CA ASN A 316 9.11 5.78 -2.18
C ASN A 316 9.84 4.68 -2.95
N GLY A 317 9.20 4.19 -4.00
CA GLY A 317 9.81 3.13 -4.80
C GLY A 317 11.11 3.54 -5.46
N ALA A 318 11.12 4.72 -6.08
CA ALA A 318 12.34 5.18 -6.73
C ALA A 318 13.46 5.36 -5.72
N ALA A 319 13.11 5.88 -4.54
CA ALA A 319 14.09 6.09 -3.48
C ALA A 319 14.75 4.77 -3.10
N ASN A 320 13.98 3.69 -3.08
CA ASN A 320 14.50 2.37 -2.73
C ASN A 320 15.50 1.84 -3.75
N ARG A 321 15.55 2.48 -4.91
CA ARG A 321 16.46 2.06 -5.96
C ARG A 321 17.58 3.08 -6.20
N ASP A 322 17.71 4.03 -5.28
CA ASP A 322 18.76 5.04 -5.38
C ASP A 322 20.06 4.31 -5.02
N PRO A 323 20.96 4.13 -5.99
CA PRO A 323 22.24 3.44 -5.76
C PRO A 323 23.09 4.03 -4.63
N LYS A 324 22.85 5.29 -4.29
CA LYS A 324 23.60 5.94 -3.23
C LYS A 324 23.20 5.34 -1.88
N GLN A 325 21.99 4.79 -1.81
CA GLN A 325 21.50 4.19 -0.58
C GLN A 325 21.52 2.67 -0.64
N PHE A 326 21.11 2.13 -1.78
CA PHE A 326 21.07 0.69 -1.99
C PHE A 326 21.92 0.34 -3.21
N PRO A 327 23.21 0.07 -3.01
CA PRO A 327 24.13 -0.29 -4.09
C PRO A 327 23.60 -1.43 -4.95
N ASP A 328 23.87 -1.38 -6.26
CA ASP A 328 23.40 -2.40 -7.19
C ASP A 328 21.90 -2.53 -6.91
N PRO A 329 21.17 -1.40 -6.95
CA PRO A 329 19.72 -1.34 -6.70
C PRO A 329 18.81 -2.26 -7.50
N HIS A 330 19.21 -2.57 -8.73
CA HIS A 330 18.40 -3.41 -9.60
C HIS A 330 18.62 -4.91 -9.38
N ARG A 331 19.34 -5.25 -8.33
CA ARG A 331 19.57 -6.64 -8.02
C ARG A 331 18.69 -7.04 -6.85
N PHE A 332 17.83 -8.05 -7.07
CA PHE A 332 16.96 -8.56 -6.03
C PHE A 332 17.85 -9.52 -5.23
N ASP A 333 18.22 -9.10 -4.03
CA ASP A 333 19.12 -9.89 -3.18
C ASP A 333 18.55 -10.05 -1.77
N VAL A 334 17.99 -11.22 -1.48
CA VAL A 334 17.39 -11.50 -0.18
C VAL A 334 18.36 -11.39 0.99
N THR A 335 19.66 -11.29 0.70
CA THR A 335 20.65 -11.18 1.76
C THR A 335 21.12 -9.76 2.01
N ARG A 336 20.74 -8.82 1.15
CA ARG A 336 21.20 -7.44 1.32
C ARG A 336 20.66 -6.76 2.57
N ASP A 337 21.35 -5.70 2.98
CA ASP A 337 20.91 -4.94 4.15
C ASP A 337 19.81 -4.04 3.58
N THR A 338 18.57 -4.33 3.98
CA THR A 338 17.41 -3.57 3.48
C THR A 338 17.01 -2.41 4.38
N ARG A 339 17.67 -2.30 5.52
CA ARG A 339 17.35 -1.24 6.48
C ARG A 339 17.31 0.15 5.87
N GLY A 340 16.25 0.89 6.20
CA GLY A 340 16.11 2.23 5.69
C GLY A 340 15.25 2.38 4.44
N HIS A 341 14.78 1.27 3.88
CA HIS A 341 13.94 1.39 2.69
C HIS A 341 12.66 2.13 3.10
N LEU A 342 11.98 2.74 2.15
CA LEU A 342 10.79 3.53 2.44
C LEU A 342 9.43 2.90 2.12
N SER A 343 9.40 1.59 1.91
CA SER A 343 8.14 0.94 1.56
C SER A 343 7.08 0.95 2.67
N PHE A 344 7.50 1.26 3.90
CA PHE A 344 6.59 1.35 5.04
C PHE A 344 6.52 2.81 5.49
N GLY A 345 7.06 3.70 4.68
CA GLY A 345 7.06 5.11 5.01
C GLY A 345 8.26 5.52 5.84
N GLN A 346 8.19 6.73 6.39
CA GLN A 346 9.26 7.28 7.22
C GLN A 346 8.69 8.42 8.05
N GLY A 347 9.02 8.46 9.33
CA GLY A 347 8.53 9.55 10.15
C GLY A 347 7.26 9.26 10.92
N ILE A 348 6.45 10.29 11.17
CA ILE A 348 5.25 10.13 11.95
C ILE A 348 4.16 9.25 11.35
N HIS A 349 4.13 9.13 10.02
CA HIS A 349 3.11 8.32 9.38
C HIS A 349 3.56 6.87 9.09
N PHE A 350 4.69 6.47 9.65
CA PHE A 350 5.22 5.11 9.45
C PHE A 350 4.13 4.06 9.65
N CYS A 351 4.03 3.15 8.68
CA CYS A 351 3.00 2.10 8.68
C CYS A 351 2.71 1.51 10.04
N MET A 352 1.41 1.59 10.31
CA MET A 352 0.86 0.97 11.52
C MET A 352 0.58 -0.51 11.34
N GLY A 353 0.48 -0.97 10.09
CA GLY A 353 0.19 -2.36 9.86
C GLY A 353 1.40 -3.25 9.60
N ARG A 354 2.59 -2.68 9.72
CA ARG A 354 3.81 -3.42 9.46
C ARG A 354 3.86 -4.84 10.07
N PRO A 355 3.48 -4.99 11.35
CA PRO A 355 3.52 -6.34 11.94
C PRO A 355 2.64 -7.34 11.19
N LEU A 356 1.45 -6.89 10.78
CA LEU A 356 0.51 -7.74 10.06
C LEU A 356 1.02 -8.00 8.64
N ALA A 357 1.49 -6.96 7.96
CA ALA A 357 2.01 -7.11 6.60
C ALA A 357 3.13 -8.16 6.57
N LYS A 358 4.05 -8.07 7.53
CA LYS A 358 5.16 -9.02 7.57
C LYS A 358 4.69 -10.42 7.90
N LEU A 359 3.71 -10.52 8.79
CA LEU A 359 3.16 -11.81 9.16
C LEU A 359 2.51 -12.47 7.94
N GLU A 360 1.63 -11.73 7.25
CA GLU A 360 0.97 -12.28 6.07
C GLU A 360 1.93 -12.66 4.96
N GLY A 361 2.88 -11.76 4.68
CA GLY A 361 3.85 -12.03 3.63
C GLY A 361 4.66 -13.28 3.92
N GLU A 362 5.15 -13.39 5.16
CA GLU A 362 5.95 -14.55 5.57
C GLU A 362 5.14 -15.84 5.58
N VAL A 363 3.95 -15.81 6.16
CA VAL A 363 3.11 -17.02 6.20
C VAL A 363 2.70 -17.47 4.80
N ALA A 364 2.23 -16.52 4.00
CA ALA A 364 1.78 -16.82 2.64
C ALA A 364 2.86 -17.38 1.71
N LEU A 365 4.00 -16.70 1.62
CA LEU A 365 5.06 -17.17 0.74
C LEU A 365 5.65 -18.51 1.18
N ARG A 366 5.83 -18.67 2.47
CA ARG A 366 6.37 -19.91 3.03
C ARG A 366 5.44 -21.09 2.70
N ALA A 367 4.15 -20.87 2.85
CA ALA A 367 3.18 -21.94 2.59
C ALA A 367 3.06 -22.26 1.09
N LEU A 368 2.98 -21.23 0.27
CA LEU A 368 2.86 -21.42 -1.18
C LEU A 368 4.01 -22.22 -1.76
N PHE A 369 5.23 -21.75 -1.52
CA PHE A 369 6.41 -22.43 -2.05
C PHE A 369 6.76 -23.72 -1.33
N GLY A 370 6.17 -23.92 -0.15
CA GLY A 370 6.42 -25.13 0.61
C GLY A 370 5.49 -26.21 0.09
N ARG A 371 4.26 -25.81 -0.25
CA ARG A 371 3.25 -26.73 -0.75
C ARG A 371 3.57 -27.15 -2.18
N PHE A 372 4.12 -26.23 -2.96
CA PHE A 372 4.47 -26.50 -4.35
C PHE A 372 5.94 -26.27 -4.62
N PRO A 373 6.79 -27.28 -4.35
CA PRO A 373 8.23 -27.19 -4.55
C PRO A 373 8.65 -27.00 -6.01
N ALA A 374 7.77 -27.37 -6.94
CA ALA A 374 8.07 -27.25 -8.37
C ALA A 374 7.29 -26.13 -9.05
N LEU A 375 6.73 -25.23 -8.24
CA LEU A 375 5.96 -24.11 -8.76
C LEU A 375 6.78 -23.31 -9.77
N SER A 376 6.16 -22.92 -10.87
CA SER A 376 6.85 -22.14 -11.90
C SER A 376 5.88 -21.14 -12.54
N LEU A 377 6.41 -20.08 -13.13
CA LEU A 377 5.56 -19.10 -13.79
C LEU A 377 4.88 -19.78 -14.97
N GLY A 378 3.62 -19.40 -15.21
CA GLY A 378 2.87 -19.99 -16.31
C GLY A 378 2.96 -19.21 -17.61
N ILE A 379 3.73 -18.13 -17.57
CA ILE A 379 3.95 -17.28 -18.74
C ILE A 379 5.38 -16.77 -18.67
N ASP A 380 5.86 -16.14 -19.75
CA ASP A 380 7.22 -15.61 -19.74
C ASP A 380 7.26 -14.44 -18.77
N ALA A 381 8.37 -14.32 -18.05
CA ALA A 381 8.53 -13.24 -17.09
C ALA A 381 8.23 -11.88 -17.72
N ASP A 382 8.69 -11.70 -18.96
CA ASP A 382 8.47 -10.45 -19.67
C ASP A 382 7.03 -10.22 -20.09
N ASP A 383 6.18 -11.22 -19.95
CA ASP A 383 4.79 -11.06 -20.33
C ASP A 383 3.85 -10.81 -19.15
N VAL A 384 4.41 -10.73 -17.94
CA VAL A 384 3.59 -10.45 -16.76
C VAL A 384 3.05 -9.03 -16.90
N VAL A 385 1.79 -8.86 -16.53
CA VAL A 385 1.14 -7.56 -16.64
C VAL A 385 1.12 -6.83 -15.29
N TRP A 386 1.85 -5.72 -15.23
CA TRP A 386 1.90 -4.93 -14.00
C TRP A 386 0.76 -3.94 -13.93
N ARG A 387 0.18 -3.80 -12.74
CA ARG A 387 -0.92 -2.86 -12.57
C ARG A 387 -0.43 -1.45 -12.86
N ARG A 388 -1.21 -0.72 -13.65
CA ARG A 388 -0.86 0.64 -14.03
C ARG A 388 -1.27 1.62 -12.95
N SER A 389 -0.53 1.63 -11.85
CA SER A 389 -0.86 2.53 -10.74
C SER A 389 0.37 3.03 -10.00
N LEU A 390 0.41 4.34 -9.75
CA LEU A 390 1.51 4.94 -9.00
C LEU A 390 1.08 5.05 -7.53
N LEU A 391 -0.17 4.65 -7.27
CA LEU A 391 -0.73 4.67 -5.91
C LEU A 391 -0.40 3.36 -5.21
N LEU A 392 -0.63 2.26 -5.90
CA LEU A 392 -0.32 0.94 -5.35
C LEU A 392 0.07 -0.01 -6.48
N ARG A 393 1.36 -0.28 -6.61
CA ARG A 393 1.85 -1.18 -7.65
C ARG A 393 1.62 -2.64 -7.24
N GLY A 394 1.27 -3.48 -8.20
CA GLY A 394 1.04 -4.89 -7.90
C GLY A 394 0.75 -5.68 -9.15
N ILE A 395 0.34 -6.94 -8.97
CA ILE A 395 -0.01 -7.82 -10.09
C ILE A 395 -1.42 -8.35 -9.85
N ASP A 396 -2.30 -8.12 -10.82
CA ASP A 396 -3.69 -8.54 -10.71
C ASP A 396 -4.03 -9.92 -11.27
N HIS A 397 -3.11 -10.48 -12.05
CA HIS A 397 -3.29 -11.80 -12.64
C HIS A 397 -1.91 -12.40 -12.84
N LEU A 398 -1.69 -13.58 -12.30
CA LEU A 398 -0.40 -14.23 -12.41
C LEU A 398 -0.52 -15.74 -12.55
N PRO A 399 -0.44 -16.25 -13.80
CA PRO A 399 -0.53 -17.69 -14.01
C PRO A 399 0.70 -18.42 -13.49
N VAL A 400 0.47 -19.53 -12.80
CA VAL A 400 1.56 -20.32 -12.27
C VAL A 400 1.24 -21.79 -12.53
N ARG A 401 2.28 -22.59 -12.71
CA ARG A 401 2.12 -24.02 -12.94
C ARG A 401 2.44 -24.68 -11.61
N LEU A 402 1.42 -25.23 -10.97
CA LEU A 402 1.56 -25.85 -9.67
C LEU A 402 2.61 -26.95 -9.62
N ASP A 403 2.74 -27.71 -10.70
CA ASP A 403 3.71 -28.80 -10.73
C ASP A 403 4.87 -28.56 -11.70
N GLY A 404 5.19 -27.30 -11.96
CA GLY A 404 6.29 -26.99 -12.86
C GLY A 404 6.00 -27.21 -14.33
CHA HEM B . 0.82 3.86 6.53
CHB HEM B . 2.94 0.79 3.43
CHC HEM B . 0.22 -2.84 5.22
CHD HEM B . -2.27 0.39 7.90
C1A HEM B . 1.66 3.33 5.56
C2A HEM B . 2.65 4.09 4.83
C3A HEM B . 3.20 3.23 3.92
C4A HEM B . 2.58 1.95 4.12
CMA HEM B . 4.20 3.56 2.80
CAA HEM B . 2.97 5.59 5.04
CBA HEM B . 2.17 6.43 4.05
CGA HEM B . 2.47 7.91 4.16
O1A HEM B . 3.60 8.27 4.55
O2A HEM B . 1.58 8.72 3.83
C1B HEM B . 2.40 -0.48 3.67
C2B HEM B . 2.83 -1.69 2.98
C3B HEM B . 2.09 -2.72 3.51
C4B HEM B . 1.20 -2.13 4.50
CMB HEM B . 3.82 -1.76 1.81
CAB HEM B . 2.02 -4.06 3.10
CBB HEM B . 3.06 -4.82 2.65
C1C HEM B . -0.68 -2.28 6.13
C2C HEM B . -1.78 -3.00 6.75
C3C HEM B . -2.53 -2.07 7.44
C4C HEM B . -1.87 -0.81 7.26
CMC HEM B . -2.00 -4.50 6.68
CAC HEM B . -3.74 -2.23 8.13
CBC HEM B . -4.31 -3.39 8.55
C1D HEM B . -1.61 1.61 7.79
C2D HEM B . -2.02 2.82 8.46
C3D HEM B . -1.10 3.78 8.14
C4D HEM B . -0.16 3.15 7.23
CMD HEM B . -3.27 3.04 9.30
CAD HEM B . -1.20 5.26 8.54
CBD HEM B . -0.12 5.68 9.52
CGD HEM B . -0.22 7.15 9.89
O1D HEM B . -0.61 7.97 9.03
O2D HEM B . 0.12 7.49 11.04
NA HEM B . 1.62 2.00 5.14
NB HEM B . 1.41 -0.76 4.60
NC HEM B . -0.74 -0.93 6.44
ND HEM B . -0.47 1.81 7.02
FE HEM B . 0.50 0.52 5.85
O1 OXY C . -0.70 0.79 4.56
O2 OXY C . -1.38 0.04 3.81
C1 DEB D . -5.62 3.64 -0.29
C2 DEB D . -4.93 2.36 -0.89
C3 DEB D . -3.85 1.84 0.03
C4 DEB D . -2.75 2.90 0.38
C5 DEB D . -1.94 2.42 1.65
C6 DEB D . -0.85 3.25 2.40
C7 DEB D . -1.48 4.62 2.78
C8 DEB D . -2.83 4.61 3.60
C9 DEB D . -3.36 6.04 3.91
C10 DEB D . -3.57 6.98 2.69
C11 DEB D . -4.58 6.28 1.67
C12 DEB D . -4.97 6.97 0.34
C13 DEB D . -5.98 6.14 -0.54
C14 DEB D . -6.37 6.89 -1.85
C15 DEB D . -7.37 6.14 -2.74
O16 DEB D . -5.43 4.85 -0.94
O17 DEB D . -6.30 3.61 0.75
C18 DEB D . -5.98 1.29 -1.17
O19 DEB D . -3.25 0.66 -0.57
C20 DEB D . -1.84 3.13 -0.88
O21 DEB D . -1.31 1.16 1.34
C22 DEB D . 0.44 3.51 1.59
C23 DEB D . -2.68 3.82 4.89
O24 DEB D . -3.60 6.39 5.06
C25 DEB D . -4.11 8.36 3.16
O26 DEB D . -5.81 5.97 2.40
C27 DEB D . -3.66 7.29 -0.45
#